data_7V63
#
_entry.id   7V63
#
_cell.length_a   77.449
_cell.length_b   77.449
_cell.length_c   275.526
_cell.angle_alpha   90.000
_cell.angle_beta   90.000
_cell.angle_gamma   90.000
#
_symmetry.space_group_name_H-M   'P 43 2 2'
#
loop_
_entity.id
_entity.type
_entity.pdbx_description
1 polymer 'Urokinase plasminogen activator surface receptor'
2 non-polymer 2-acetamido-2-deoxy-beta-D-glucopyranose
#
_entity_poly.entity_id   1
_entity_poly.type   'polypeptide(L)'
_entity_poly.pdbx_seq_one_letter_code
;RSLRCMQCKTNGDCRVEECALGQDLCRTTIVRLWEEGEELELVEKSCTHSEKTNRTLSYRTGLKITSLTEVVCGLDLCNQ
GNSGRAVTYSRSRYLECISCGSSDMSCERGRHQSLQCRSPEEQCLDVVTHWIQEGEEGRPKDDRHLRGCGYLPGCPGSNG
FHNNDTFHFLKCCNTTKCNEGPILELENLPQNGRQCYSCKGNSTHGCSSEETFLIDCRGPMNQCLVATGTHEPKNQSYMV
RGCATASMCQHAHLGDAFSMNHIDVSCCTKSGCNHPDLD
;
_entity_poly.pdbx_strand_id   A,B
#
loop_
_chem_comp.id
_chem_comp.type
_chem_comp.name
_chem_comp.formula
NAG D-saccharide, beta linking 2-acetamido-2-deoxy-beta-D-glucopyranose 'C8 H15 N O6'
#
# COMPACT_ATOMS: atom_id res chain seq x y z
N LEU A 3 32.66 9.99 16.64
CA LEU A 3 32.24 8.60 16.87
C LEU A 3 31.57 7.98 15.66
N ARG A 4 31.91 6.73 15.38
CA ARG A 4 31.40 6.00 14.23
C ARG A 4 30.76 4.71 14.70
N CYS A 5 29.53 4.47 14.23
CA CYS A 5 28.76 3.28 14.51
C CYS A 5 28.38 2.61 13.20
N MET A 6 28.09 1.30 13.28
CA MET A 6 27.35 0.61 12.22
C MET A 6 25.93 1.17 12.15
N GLN A 7 25.51 1.67 10.99
CA GLN A 7 24.13 2.12 10.79
C GLN A 7 23.54 1.12 9.81
N CYS A 8 22.75 0.17 10.28
CA CYS A 8 22.27 -0.84 9.36
C CYS A 8 20.82 -1.22 9.66
N LYS A 9 19.95 -1.02 8.68
CA LYS A 9 18.58 -1.50 8.74
C LYS A 9 18.57 -2.73 7.87
N THR A 10 17.53 -3.54 7.99
CA THR A 10 17.34 -4.52 6.94
C THR A 10 16.67 -3.82 5.75
N ASN A 11 17.24 -3.97 4.56
CA ASN A 11 16.66 -3.38 3.36
C ASN A 11 16.64 -1.85 3.42
N GLY A 12 17.70 -1.29 3.98
CA GLY A 12 17.79 0.17 4.05
C GLY A 12 19.24 0.45 3.80
N ASP A 13 19.77 1.60 4.16
CA ASP A 13 21.18 1.82 3.92
C ASP A 13 21.96 1.24 5.08
N CYS A 14 22.81 0.29 4.77
CA CYS A 14 23.75 -0.23 5.74
C CYS A 14 25.10 0.38 5.44
N ARG A 15 25.58 1.16 6.37
CA ARG A 15 26.68 2.10 6.29
C ARG A 15 27.55 1.90 7.54
N VAL A 16 28.81 2.28 7.43
CA VAL A 16 29.59 2.72 8.58
C VAL A 16 29.41 4.23 8.61
N GLU A 17 28.89 4.75 9.73
CA GLU A 17 28.43 6.13 9.79
C GLU A 17 29.20 6.90 10.87
N GLU A 18 29.74 8.06 10.46
CA GLU A 18 30.12 9.15 11.37
C GLU A 18 28.91 9.73 12.09
N CYS A 19 28.85 9.57 13.41
CA CYS A 19 27.68 10.07 14.11
C CYS A 19 27.68 11.60 14.16
N ALA A 20 26.49 12.18 14.30
CA ALA A 20 26.39 13.61 14.42
C ALA A 20 26.95 14.04 15.76
N LEU A 21 27.38 15.29 15.83
CA LEU A 21 27.79 15.78 17.13
C LEU A 21 26.61 15.64 18.09
N GLY A 22 26.90 15.30 19.33
CA GLY A 22 25.84 15.08 20.26
C GLY A 22 25.23 13.71 20.23
N GLN A 23 25.69 12.82 19.35
CA GLN A 23 25.21 11.44 19.31
C GLN A 23 26.32 10.58 19.92
N ASP A 24 26.21 10.29 21.20
CA ASP A 24 27.30 9.68 21.92
C ASP A 24 27.16 8.17 22.08
N LEU A 25 26.20 7.52 21.42
CA LEU A 25 25.96 6.09 21.64
C LEU A 25 25.81 5.33 20.32
N CYS A 26 26.29 4.09 20.30
CA CYS A 26 25.95 3.14 19.27
C CYS A 26 24.85 2.24 19.80
N ARG A 27 23.86 1.97 18.97
CA ARG A 27 22.70 1.18 19.33
C ARG A 27 22.60 -0.02 18.41
N THR A 28 22.27 -1.17 18.98
CA THR A 28 21.70 -2.27 18.21
C THR A 28 20.39 -2.70 18.85
N THR A 29 19.41 -2.96 18.00
CA THR A 29 18.06 -3.27 18.46
C THR A 29 17.58 -4.52 17.74
N ILE A 30 16.97 -5.43 18.50
CA ILE A 30 16.39 -6.66 17.96
C ILE A 30 14.92 -6.70 18.32
N VAL A 31 14.08 -6.61 17.32
CA VAL A 31 12.63 -6.76 17.50
C VAL A 31 12.23 -8.16 17.06
N ARG A 32 11.55 -8.87 17.94
CA ARG A 32 11.06 -10.20 17.69
C ARG A 32 9.53 -10.17 17.81
N LEU A 33 8.87 -10.89 16.92
CA LEU A 33 7.42 -10.96 16.92
C LEU A 33 6.99 -12.40 16.70
N TRP A 34 6.13 -12.91 17.58
CA TRP A 34 5.55 -14.25 17.48
C TRP A 34 4.03 -14.13 17.42
N GLU A 35 3.42 -14.64 16.35
CA GLU A 35 1.99 -14.87 16.34
C GLU A 35 1.75 -16.17 15.59
N GLU A 36 0.47 -16.57 15.52
CA GLU A 36 0.12 -17.81 14.84
C GLU A 36 0.59 -17.79 13.40
N GLY A 37 1.35 -18.81 13.03
CA GLY A 37 1.91 -18.90 11.70
C GLY A 37 2.72 -17.70 11.27
N GLU A 38 3.36 -17.01 12.22
CA GLU A 38 4.35 -15.98 11.89
C GLU A 38 5.39 -15.84 12.99
N GLU A 39 6.65 -15.80 12.57
CA GLU A 39 7.78 -15.50 13.43
C GLU A 39 8.62 -14.49 12.67
N LEU A 40 8.93 -13.35 13.28
CA LEU A 40 9.68 -12.30 12.62
C LEU A 40 10.78 -11.79 13.54
N GLU A 41 11.97 -11.59 12.98
CA GLU A 41 13.08 -11.00 13.73
C GLU A 41 13.73 -9.92 12.86
N LEU A 42 13.75 -8.70 13.37
CA LEU A 42 14.40 -7.57 12.72
C LEU A 42 15.52 -7.08 13.61
N VAL A 43 16.67 -6.73 13.03
CA VAL A 43 17.77 -6.15 13.80
C VAL A 43 18.27 -4.92 13.09
N GLU A 44 18.32 -3.79 13.79
CA GLU A 44 18.72 -2.52 13.18
C GLU A 44 19.92 -2.04 14.01
N LYS A 45 20.89 -1.43 13.36
CA LYS A 45 21.98 -0.77 14.09
C LYS A 45 22.06 0.70 13.70
N SER A 46 22.42 1.58 14.64
CA SER A 46 22.50 3.00 14.29
C SER A 46 23.20 3.80 15.38
N CYS A 47 23.34 5.11 15.13
CA CYS A 47 23.82 6.05 16.12
C CYS A 47 22.65 6.60 16.92
N THR A 48 22.86 6.82 18.21
CA THR A 48 21.75 7.33 19.02
C THR A 48 22.31 8.23 20.13
N HIS A 49 21.40 8.92 20.81
CA HIS A 49 21.76 9.81 21.89
C HIS A 49 20.70 9.73 22.98
N SER A 50 21.16 9.71 24.22
CA SER A 50 20.27 9.71 25.38
C SER A 50 19.64 11.09 25.55
N GLU A 51 18.37 11.21 25.22
CA GLU A 51 17.61 12.45 25.35
C GLU A 51 16.91 12.36 26.70
N LYS A 52 17.08 13.38 27.55
CA LYS A 52 16.78 13.16 28.98
C LYS A 52 15.28 13.26 29.26
N THR A 53 14.65 14.41 28.97
CA THR A 53 13.21 14.58 29.16
C THR A 53 12.81 14.13 30.58
N THR A 61 -1.48 8.66 19.54
CA THR A 61 -2.23 7.43 19.28
C THR A 61 -3.22 7.56 18.13
N GLY A 62 -3.03 6.77 17.07
CA GLY A 62 -3.88 6.82 15.90
C GLY A 62 -4.91 5.71 15.85
N LEU A 63 -5.54 5.60 14.68
CA LEU A 63 -6.50 4.55 14.42
C LEU A 63 -6.13 3.83 13.14
N LYS A 64 -6.43 2.53 13.13
CA LYS A 64 -6.19 1.64 12.00
C LYS A 64 -7.50 1.37 11.26
N ILE A 65 -7.45 1.38 9.92
CA ILE A 65 -8.61 1.11 9.08
C ILE A 65 -8.27 0.00 8.10
N THR A 66 -9.04 -1.08 8.10
CA THR A 66 -8.83 -2.15 7.11
C THR A 66 -10.12 -2.47 6.37
N SER A 67 -9.99 -2.77 5.08
CA SER A 67 -11.18 -2.98 4.25
C SER A 67 -10.98 -4.19 3.34
N LEU A 68 -11.96 -5.08 3.30
CA LEU A 68 -12.02 -6.15 2.30
C LEU A 68 -13.12 -5.91 1.28
N THR A 69 -12.78 -6.07 0.00
CA THR A 69 -13.77 -6.05 -1.07
C THR A 69 -13.60 -7.31 -1.89
N GLU A 70 -14.70 -7.99 -2.16
CA GLU A 70 -14.65 -9.29 -2.81
C GLU A 70 -15.73 -9.35 -3.88
N VAL A 71 -15.38 -9.90 -5.04
CA VAL A 71 -16.33 -10.16 -6.12
C VAL A 71 -16.21 -11.62 -6.52
N VAL A 72 -17.34 -12.30 -6.65
CA VAL A 72 -17.35 -13.68 -7.14
C VAL A 72 -18.07 -13.72 -8.49
N CYS A 73 -17.73 -14.72 -9.29
CA CYS A 73 -18.51 -14.99 -10.50
C CYS A 73 -18.33 -16.45 -10.88
N GLY A 74 -19.25 -16.92 -11.73
CA GLY A 74 -19.29 -18.32 -12.08
C GLY A 74 -18.88 -18.67 -13.48
N LEU A 75 -18.64 -17.67 -14.34
CA LEU A 75 -18.34 -17.95 -15.72
C LEU A 75 -16.85 -18.21 -15.90
N ASP A 76 -16.46 -18.47 -17.14
CA ASP A 76 -15.11 -18.92 -17.38
C ASP A 76 -14.17 -17.73 -17.38
N LEU A 77 -13.12 -17.81 -16.56
CA LEU A 77 -12.09 -16.78 -16.54
C LEU A 77 -12.68 -15.39 -16.34
N CYS A 78 -13.74 -15.31 -15.52
CA CYS A 78 -14.50 -14.08 -15.33
C CYS A 78 -13.85 -13.12 -14.36
N ASN A 79 -12.79 -13.53 -13.66
CA ASN A 79 -12.06 -12.64 -12.76
C ASN A 79 -10.75 -12.23 -13.45
N GLN A 80 -10.79 -11.13 -14.20
CA GLN A 80 -9.57 -10.66 -14.86
C GLN A 80 -9.38 -9.14 -14.76
N GLY A 81 -10.32 -8.35 -15.26
CA GLY A 81 -10.18 -6.90 -15.18
C GLY A 81 -11.31 -6.10 -15.78
N CYS A 155 -14.82 6.48 14.98
CA CYS A 155 -14.90 5.28 14.15
C CYS A 155 -15.15 3.98 14.94
N PRO A 156 -14.32 3.69 16.03
CA PRO A 156 -14.32 2.37 16.68
C PRO A 156 -15.44 1.42 16.31
N GLY A 157 -15.47 0.95 15.05
CA GLY A 157 -16.52 0.00 14.68
C GLY A 157 -16.24 -0.63 13.34
N SER A 158 -17.12 -1.57 12.98
CA SER A 158 -17.07 -2.25 11.69
C SER A 158 -18.43 -2.16 11.04
N ASN A 159 -18.44 -2.02 9.71
CA ASN A 159 -19.69 -2.12 8.97
C ASN A 159 -19.45 -2.82 7.64
N GLY A 160 -20.38 -3.70 7.28
CA GLY A 160 -20.27 -4.41 6.03
C GLY A 160 -21.60 -4.48 5.31
N PHE A 161 -21.50 -4.85 4.04
CA PHE A 161 -22.58 -5.04 3.11
C PHE A 161 -22.16 -6.21 2.24
N HIS A 162 -23.03 -7.16 1.95
CA HIS A 162 -22.49 -8.32 1.25
C HIS A 162 -23.24 -8.85 0.05
N ASN A 163 -24.43 -8.34 -0.28
CA ASN A 163 -24.98 -8.63 -1.62
C ASN A 163 -24.94 -10.13 -1.96
N ASN A 164 -24.86 -10.46 -3.25
CA ASN A 164 -24.76 -11.84 -3.71
C ASN A 164 -23.64 -12.02 -4.68
N ASP A 165 -23.13 -10.94 -5.24
CA ASP A 165 -21.99 -10.88 -6.13
C ASP A 165 -20.78 -10.29 -5.43
N THR A 166 -20.95 -9.12 -4.79
CA THR A 166 -19.87 -8.38 -4.15
C THR A 166 -20.06 -8.31 -2.64
N PHE A 167 -18.95 -8.19 -1.93
CA PHE A 167 -18.93 -8.13 -0.47
C PHE A 167 -17.99 -7.00 -0.12
N HIS A 168 -18.42 -6.09 0.75
CA HIS A 168 -17.56 -5.02 1.23
C HIS A 168 -17.63 -4.94 2.75
N PHE A 169 -16.48 -5.06 3.40
CA PHE A 169 -16.41 -4.89 4.85
C PHE A 169 -15.35 -3.86 5.21
N LEU A 170 -15.63 -3.05 6.23
CA LEU A 170 -14.68 -2.03 6.67
C LEU A 170 -14.62 -2.06 8.19
N LYS A 171 -13.41 -2.16 8.72
CA LYS A 171 -13.18 -2.27 10.15
C LYS A 171 -12.30 -1.10 10.57
N CYS A 172 -12.59 -0.53 11.73
CA CYS A 172 -11.83 0.62 12.18
C CYS A 172 -11.65 0.55 13.69
N CYS A 173 -10.42 0.75 14.14
CA CYS A 173 -10.13 0.55 15.55
C CYS A 173 -9.19 1.64 16.06
N ASN A 174 -9.26 1.86 17.36
CA ASN A 174 -8.34 2.72 18.10
C ASN A 174 -7.16 1.84 18.50
N THR A 175 -5.96 2.23 18.09
CA THR A 175 -4.80 1.32 18.17
C THR A 175 -4.47 0.89 19.60
N THR A 176 -4.84 1.69 20.61
CA THR A 176 -4.59 1.25 21.98
C THR A 176 -5.30 -0.06 22.27
N LYS A 177 -6.60 -0.13 21.99
CA LYS A 177 -7.41 -1.33 22.18
C LYS A 177 -7.97 -1.76 20.82
N CYS A 178 -7.23 -2.60 20.10
CA CYS A 178 -7.62 -2.93 18.72
C CYS A 178 -8.03 -4.38 18.55
N ASN A 179 -8.98 -4.60 17.64
CA ASN A 179 -9.48 -5.92 17.27
C ASN A 179 -8.76 -6.35 16.00
N GLU A 180 -7.70 -7.13 16.16
CA GLU A 180 -6.93 -7.64 15.04
C GLU A 180 -7.53 -8.87 14.41
N GLY A 181 -8.67 -9.34 14.92
CA GLY A 181 -9.35 -10.47 14.34
C GLY A 181 -9.49 -10.28 12.85
N PRO A 182 -9.45 -11.36 12.10
CA PRO A 182 -9.43 -11.27 10.64
C PRO A 182 -10.81 -10.97 10.08
N ILE A 183 -10.84 -10.65 8.80
CA ILE A 183 -12.07 -10.51 8.02
C ILE A 183 -12.15 -11.70 7.08
N LEU A 184 -13.27 -12.42 7.11
CA LEU A 184 -13.41 -13.63 6.30
C LEU A 184 -14.11 -13.33 5.00
N GLU A 185 -13.75 -14.05 3.94
CA GLU A 185 -14.40 -13.75 2.69
C GLU A 185 -15.86 -14.20 2.75
N LEU A 186 -16.63 -13.82 1.73
CA LEU A 186 -18.07 -14.02 1.83
C LEU A 186 -18.44 -15.49 1.98
N GLU A 187 -17.77 -16.36 1.22
CA GLU A 187 -18.13 -17.77 1.18
C GLU A 187 -17.80 -18.49 2.47
N ASN A 188 -17.03 -17.90 3.37
CA ASN A 188 -16.72 -18.50 4.66
C ASN A 188 -17.58 -17.96 5.78
N LEU A 189 -18.40 -16.95 5.53
CA LEU A 189 -19.21 -16.52 6.64
C LEU A 189 -20.38 -17.47 6.86
N PRO A 190 -20.72 -17.77 8.09
CA PRO A 190 -21.89 -18.60 8.31
C PRO A 190 -23.11 -17.74 8.10
N GLN A 191 -24.14 -18.39 7.63
CA GLN A 191 -25.29 -17.55 7.43
C GLN A 191 -26.16 -17.38 8.65
N ASN A 192 -26.79 -16.22 8.69
CA ASN A 192 -27.47 -15.72 9.88
C ASN A 192 -28.98 -15.98 9.93
N GLY A 193 -29.57 -16.50 8.87
CA GLY A 193 -30.98 -16.72 8.86
C GLY A 193 -31.77 -15.63 8.17
N ARG A 194 -31.19 -14.45 8.01
CA ARG A 194 -31.88 -13.39 7.30
C ARG A 194 -31.85 -13.68 5.80
N GLN A 195 -32.87 -13.20 5.11
CA GLN A 195 -32.93 -13.28 3.65
C GLN A 195 -33.36 -11.93 3.14
N CYS A 196 -32.71 -11.48 2.08
CA CYS A 196 -32.94 -10.15 1.58
C CYS A 196 -32.86 -10.17 0.06
N TYR A 197 -33.49 -9.19 -0.57
CA TYR A 197 -33.39 -9.21 -2.00
C TYR A 197 -32.04 -8.62 -2.42
N SER A 198 -31.61 -8.97 -3.61
CA SER A 198 -30.30 -8.57 -4.06
C SER A 198 -30.38 -8.19 -5.53
N CYS A 199 -29.66 -7.11 -5.86
CA CYS A 199 -29.65 -6.47 -7.17
C CYS A 199 -28.53 -5.42 -7.17
N LYS A 200 -28.11 -5.05 -8.38
CA LYS A 200 -27.20 -3.93 -8.60
C LYS A 200 -27.57 -3.25 -9.91
N GLY A 201 -27.39 -1.93 -9.95
CA GLY A 201 -27.48 -1.16 -11.16
C GLY A 201 -28.69 -0.24 -11.18
N ASN A 202 -28.95 0.30 -12.36
CA ASN A 202 -29.98 1.32 -12.53
C ASN A 202 -31.36 0.78 -12.18
N SER A 203 -32.25 1.72 -11.87
CA SER A 203 -33.60 1.36 -11.44
C SER A 203 -34.28 0.43 -12.44
N THR A 204 -34.37 0.85 -13.69
CA THR A 204 -35.07 0.09 -14.72
C THR A 204 -34.35 -1.20 -15.11
N HIS A 205 -33.03 -1.16 -15.35
CA HIS A 205 -32.30 -2.38 -15.71
C HIS A 205 -31.09 -2.56 -14.79
N GLY A 206 -30.96 -3.78 -14.26
CA GLY A 206 -29.98 -4.16 -13.27
C GLY A 206 -30.57 -4.38 -11.89
N CYS A 207 -31.59 -3.58 -11.54
CA CYS A 207 -32.34 -3.76 -10.30
C CYS A 207 -33.85 -3.74 -10.55
N SER A 208 -34.27 -4.04 -11.78
CA SER A 208 -35.61 -4.54 -12.05
C SER A 208 -35.92 -5.71 -11.12
N SER A 209 -37.21 -6.06 -11.04
CA SER A 209 -37.54 -7.28 -10.33
C SER A 209 -37.38 -8.52 -11.20
N GLU A 210 -36.92 -8.37 -12.43
CA GLU A 210 -36.35 -9.46 -13.21
C GLU A 210 -34.94 -9.86 -12.81
N GLU A 211 -34.10 -8.93 -12.40
CA GLU A 211 -32.79 -9.34 -11.98
C GLU A 211 -32.66 -9.34 -10.47
N THR A 212 -33.75 -9.08 -9.74
CA THR A 212 -33.72 -8.98 -8.29
C THR A 212 -34.14 -10.30 -7.68
N PHE A 213 -33.27 -10.92 -6.91
CA PHE A 213 -33.61 -12.23 -6.35
C PHE A 213 -33.30 -12.28 -4.87
N LEU A 214 -34.05 -13.10 -4.15
CA LEU A 214 -33.79 -13.32 -2.74
C LEU A 214 -32.47 -14.08 -2.55
N ILE A 215 -31.71 -13.71 -1.50
CA ILE A 215 -30.50 -14.42 -1.09
C ILE A 215 -30.48 -14.58 0.42
N ASP A 216 -29.75 -15.59 0.88
CA ASP A 216 -29.51 -15.75 2.30
C ASP A 216 -28.39 -14.81 2.72
N CYS A 217 -28.62 -14.04 3.77
CA CYS A 217 -27.54 -13.23 4.28
C CYS A 217 -26.53 -14.10 5.01
N ARG A 218 -25.31 -13.59 5.14
CA ARG A 218 -24.23 -14.29 5.79
C ARG A 218 -23.61 -13.39 6.83
N GLY A 219 -22.99 -14.02 7.82
CA GLY A 219 -22.24 -13.32 8.84
C GLY A 219 -23.00 -12.23 9.53
N PRO A 220 -22.28 -11.15 9.88
CA PRO A 220 -22.89 -10.08 10.68
C PRO A 220 -23.91 -9.23 9.94
N MET A 221 -24.07 -9.37 8.63
CA MET A 221 -24.99 -8.54 7.84
C MET A 221 -26.39 -9.15 7.93
N ASN A 222 -27.15 -8.74 8.95
CA ASN A 222 -28.46 -9.31 9.22
C ASN A 222 -29.62 -8.34 9.02
N GLN A 223 -29.39 -7.18 8.46
CA GLN A 223 -30.47 -6.31 8.05
C GLN A 223 -30.51 -6.28 6.53
N CYS A 224 -31.68 -5.98 5.99
CA CYS A 224 -31.79 -5.83 4.56
C CYS A 224 -31.67 -4.36 4.19
N LEU A 225 -30.87 -4.11 3.16
CA LEU A 225 -30.46 -2.76 2.77
C LEU A 225 -30.85 -2.46 1.33
N VAL A 226 -31.35 -1.23 1.14
CA VAL A 226 -31.53 -0.59 -0.16
C VAL A 226 -30.69 0.68 -0.14
N ALA A 227 -30.08 0.99 -1.27
CA ALA A 227 -29.39 2.27 -1.39
C ALA A 227 -29.61 2.78 -2.79
N THR A 228 -29.74 4.09 -2.91
CA THR A 228 -29.95 4.71 -4.21
C THR A 228 -29.36 6.11 -4.16
N GLY A 229 -29.05 6.66 -5.33
CA GLY A 229 -28.33 7.93 -5.39
C GLY A 229 -28.54 8.81 -6.60
N TYR A 238 -29.47 4.84 -10.22
CA TYR A 238 -28.62 3.80 -9.64
C TYR A 238 -29.18 3.27 -8.31
N MET A 239 -29.08 1.96 -8.11
CA MET A 239 -29.69 1.30 -6.96
C MET A 239 -28.92 0.02 -6.63
N VAL A 240 -28.81 -0.29 -5.34
CA VAL A 240 -28.18 -1.54 -4.89
C VAL A 240 -28.99 -2.09 -3.72
N ARG A 241 -29.12 -3.44 -3.66
CA ARG A 241 -29.84 -4.11 -2.57
C ARG A 241 -29.04 -5.30 -2.07
N GLY A 242 -29.18 -5.60 -0.78
CA GLY A 242 -28.47 -6.75 -0.25
C GLY A 242 -28.61 -6.84 1.26
N CYS A 243 -27.66 -7.54 1.87
CA CYS A 243 -27.57 -7.66 3.31
C CYS A 243 -26.54 -6.69 3.88
N ALA A 244 -26.80 -6.20 5.09
CA ALA A 244 -25.97 -5.15 5.69
C ALA A 244 -25.95 -5.29 7.20
N THR A 245 -24.90 -4.78 7.82
CA THR A 245 -24.85 -4.70 9.27
C THR A 245 -25.63 -3.48 9.76
N ALA A 246 -26.10 -3.56 11.00
CA ALA A 246 -26.81 -2.43 11.61
C ALA A 246 -25.97 -1.16 11.58
N SER A 247 -24.65 -1.28 11.80
CA SER A 247 -23.75 -0.13 11.73
C SER A 247 -23.88 0.60 10.40
N MET A 248 -24.17 -0.11 9.32
CA MET A 248 -24.28 0.54 8.02
C MET A 248 -25.66 1.14 7.77
N CYS A 249 -26.58 1.00 8.71
CA CYS A 249 -27.95 1.44 8.55
C CYS A 249 -28.33 2.66 9.37
N GLN A 250 -27.39 3.27 10.12
CA GLN A 250 -27.88 4.12 11.20
C GLN A 250 -28.02 5.58 10.79
N HIS A 251 -27.15 6.09 9.93
CA HIS A 251 -27.39 7.44 9.40
C HIS A 251 -28.50 7.48 8.38
N ALA A 252 -28.23 6.95 7.18
CA ALA A 252 -29.24 6.82 6.13
C ALA A 252 -29.61 8.19 5.57
N HIS A 253 -28.57 8.94 5.16
CA HIS A 253 -28.63 10.34 4.72
C HIS A 253 -29.91 10.79 4.01
N HIS A 262 -27.15 13.76 -3.09
CA HIS A 262 -26.84 12.89 -1.96
C HIS A 262 -27.14 11.43 -2.31
N ILE A 263 -26.92 10.53 -1.35
CA ILE A 263 -26.93 9.09 -1.58
C ILE A 263 -27.56 8.40 -0.37
N ASP A 264 -28.80 7.95 -0.52
CA ASP A 264 -29.65 7.54 0.60
C ASP A 264 -29.70 6.02 0.76
N VAL A 265 -29.82 5.57 2.00
CA VAL A 265 -29.90 4.16 2.34
C VAL A 265 -31.11 3.93 3.24
N SER A 266 -31.81 2.83 3.02
CA SER A 266 -32.88 2.39 3.89
C SER A 266 -32.61 0.97 4.35
N CYS A 267 -32.88 0.73 5.63
CA CYS A 267 -32.65 -0.57 6.22
C CYS A 267 -33.88 -1.06 6.93
N CYS A 268 -33.98 -2.38 7.02
CA CYS A 268 -35.08 -2.96 7.78
C CYS A 268 -34.66 -4.30 8.33
N THR A 269 -35.34 -4.73 9.39
CA THR A 269 -34.86 -5.80 10.23
C THR A 269 -35.58 -7.13 10.01
N LYS A 270 -36.45 -7.25 9.00
CA LYS A 270 -37.24 -8.47 8.82
C LYS A 270 -37.10 -9.08 7.43
N SER A 271 -37.08 -10.42 7.39
CA SER A 271 -36.65 -11.13 6.18
C SER A 271 -37.52 -10.74 5.00
N GLY A 272 -36.90 -10.47 3.87
CA GLY A 272 -37.59 -10.08 2.66
C GLY A 272 -38.02 -8.64 2.58
N CYS A 273 -37.76 -7.83 3.62
CA CYS A 273 -38.37 -6.49 3.69
C CYS A 273 -37.89 -5.53 2.63
N ASN A 274 -36.82 -5.81 1.89
CA ASN A 274 -36.36 -4.89 0.86
C ASN A 274 -36.91 -5.21 -0.53
N HIS A 275 -38.06 -5.89 -0.60
CA HIS A 275 -38.70 -6.23 -1.87
C HIS A 275 -38.80 -5.00 -2.78
N PRO A 276 -38.62 -5.15 -4.10
CA PRO A 276 -38.44 -3.96 -4.95
C PRO A 276 -39.56 -2.94 -4.98
N ASP A 277 -40.82 -3.32 -4.99
CA ASP A 277 -41.78 -2.22 -4.96
C ASP A 277 -42.25 -1.86 -3.55
N LEU A 278 -41.39 -1.99 -2.57
CA LEU A 278 -41.62 -1.53 -1.21
C LEU A 278 -40.70 -0.38 -0.84
N ASP A 279 -39.84 0.03 -1.77
CA ASP A 279 -38.97 1.19 -1.64
C ASP A 279 -39.72 2.49 -1.95
N SER B 2 -17.20 -35.38 2.69
CA SER B 2 -16.12 -34.53 2.15
C SER B 2 -15.00 -34.19 3.17
N LEU B 3 -13.85 -33.73 2.67
CA LEU B 3 -12.64 -33.62 3.48
C LEU B 3 -12.60 -32.31 4.25
N ARG B 4 -12.11 -32.35 5.47
CA ARG B 4 -11.99 -31.11 6.22
C ARG B 4 -10.56 -30.98 6.79
N CYS B 5 -9.95 -29.81 6.54
CA CYS B 5 -8.59 -29.46 6.93
C CYS B 5 -8.58 -28.24 7.83
N MET B 6 -7.52 -28.14 8.64
CA MET B 6 -7.18 -26.87 9.27
C MET B 6 -6.77 -25.86 8.20
N GLN B 7 -7.43 -24.71 8.16
CA GLN B 7 -7.10 -23.59 7.28
C GLN B 7 -6.57 -22.45 8.15
N CYS B 8 -5.27 -22.17 8.06
CA CYS B 8 -4.66 -21.12 8.88
C CYS B 8 -3.82 -20.24 8.00
N LYS B 9 -3.98 -18.93 8.15
CA LYS B 9 -3.17 -17.99 7.40
C LYS B 9 -2.31 -17.17 8.35
N THR B 10 -1.39 -16.43 7.75
CA THR B 10 -0.64 -15.42 8.46
C THR B 10 -1.56 -14.22 8.64
N ASN B 11 -1.79 -13.81 9.88
CA ASN B 11 -2.62 -12.62 10.10
C ASN B 11 -4.01 -12.82 9.51
N GLY B 12 -4.48 -14.06 9.52
CA GLY B 12 -5.72 -14.32 8.81
C GLY B 12 -6.67 -15.24 9.53
N ASP B 13 -7.63 -15.84 8.81
CA ASP B 13 -8.64 -16.67 9.45
C ASP B 13 -8.15 -18.11 9.52
N CYS B 14 -7.98 -18.59 10.76
CA CYS B 14 -7.54 -19.94 11.09
C CYS B 14 -8.77 -20.70 11.63
N ARG B 15 -9.30 -21.57 10.77
CA ARG B 15 -10.61 -22.20 10.77
C ARG B 15 -10.42 -23.70 10.63
N VAL B 16 -11.44 -24.46 10.98
CA VAL B 16 -11.61 -25.80 10.43
C VAL B 16 -12.52 -25.70 9.21
N GLU B 17 -12.03 -26.20 8.07
CA GLU B 17 -12.63 -25.93 6.76
C GLU B 17 -13.13 -27.22 6.14
N GLU B 18 -14.40 -27.20 5.73
CA GLU B 18 -15.06 -28.07 4.76
C GLU B 18 -14.45 -27.85 3.38
N CYS B 19 -13.62 -28.79 2.92
CA CYS B 19 -13.00 -28.58 1.62
C CYS B 19 -14.00 -28.84 0.50
N ALA B 20 -13.65 -28.37 -0.69
CA ALA B 20 -14.48 -28.66 -1.84
C ALA B 20 -14.42 -30.15 -2.16
N LEU B 21 -15.40 -30.63 -2.90
CA LEU B 21 -15.40 -32.04 -3.26
C LEU B 21 -14.07 -32.43 -3.90
N GLY B 22 -13.63 -31.67 -4.89
CA GLY B 22 -12.43 -32.02 -5.59
C GLY B 22 -11.15 -31.79 -4.84
N GLN B 23 -11.19 -31.34 -3.59
CA GLN B 23 -9.98 -31.03 -2.82
C GLN B 23 -9.66 -32.18 -1.86
N ASP B 24 -8.70 -33.01 -2.27
CA ASP B 24 -8.40 -34.27 -1.62
C ASP B 24 -7.21 -34.19 -0.70
N LEU B 25 -6.66 -32.99 -0.48
CA LEU B 25 -5.42 -32.85 0.26
C LEU B 25 -5.52 -31.72 1.28
N CYS B 26 -4.91 -31.94 2.42
CA CYS B 26 -4.60 -30.87 3.36
C CYS B 26 -3.16 -30.46 3.12
N ARG B 27 -2.93 -29.17 3.16
CA ARG B 27 -1.64 -28.55 2.90
C ARG B 27 -1.17 -27.88 4.16
N THR B 28 0.12 -28.04 4.45
CA THR B 28 0.86 -27.22 5.41
C THR B 28 2.04 -26.63 4.66
N THR B 29 2.26 -25.34 4.83
CA THR B 29 3.33 -24.67 4.10
C THR B 29 4.10 -23.77 5.06
N ILE B 30 5.42 -23.88 5.04
CA ILE B 30 6.29 -23.05 5.87
C ILE B 30 7.27 -22.34 4.96
N VAL B 31 7.15 -21.03 4.88
CA VAL B 31 8.08 -20.20 4.12
C VAL B 31 9.03 -19.48 5.08
N ARG B 32 10.33 -19.61 4.83
CA ARG B 32 11.35 -18.99 5.65
C ARG B 32 12.19 -18.05 4.79
N LEU B 33 12.52 -16.90 5.33
CA LEU B 33 13.30 -15.89 4.64
C LEU B 33 14.42 -15.40 5.54
N TRP B 34 15.65 -15.43 5.03
CA TRP B 34 16.82 -14.91 5.71
C TRP B 34 17.42 -13.82 4.84
N GLU B 35 17.53 -12.62 5.39
CA GLU B 35 18.25 -11.52 4.76
C GLU B 35 19.07 -10.87 5.84
N GLU B 36 19.90 -9.92 5.44
CA GLU B 36 20.72 -9.22 6.42
C GLU B 36 19.81 -8.52 7.42
N GLY B 37 19.96 -8.88 8.68
CA GLY B 37 19.10 -8.30 9.69
C GLY B 37 17.63 -8.50 9.48
N GLU B 38 17.22 -9.62 8.88
CA GLU B 38 15.81 -10.01 8.84
C GLU B 38 15.69 -11.54 8.80
N GLU B 39 14.78 -12.06 9.62
CA GLU B 39 14.39 -13.46 9.59
C GLU B 39 12.88 -13.53 9.67
N LEU B 40 12.27 -14.28 8.75
CA LEU B 40 10.83 -14.36 8.66
C LEU B 40 10.42 -15.81 8.50
N GLU B 41 9.35 -16.20 9.20
CA GLU B 41 8.75 -17.53 9.04
C GLU B 41 7.25 -17.39 8.97
N LEU B 42 6.67 -17.86 7.88
CA LEU B 42 5.23 -17.86 7.67
C LEU B 42 4.75 -19.29 7.59
N VAL B 43 3.60 -19.56 8.18
CA VAL B 43 3.00 -20.88 8.14
C VAL B 43 1.55 -20.71 7.72
N GLU B 44 1.18 -21.36 6.63
CA GLU B 44 -0.20 -21.31 6.15
C GLU B 44 -0.68 -22.74 5.93
N LYS B 45 -1.87 -23.04 6.41
CA LYS B 45 -2.50 -24.34 6.31
C LYS B 45 -3.77 -24.17 5.47
N SER B 46 -4.11 -25.17 4.65
CA SER B 46 -5.32 -25.01 3.84
C SER B 46 -5.69 -26.33 3.15
N CYS B 47 -6.80 -26.30 2.42
CA CYS B 47 -7.20 -27.40 1.56
C CYS B 47 -6.59 -27.21 0.19
N THR B 48 -6.18 -28.30 -0.43
CA THR B 48 -5.59 -28.20 -1.76
C THR B 48 -5.93 -29.48 -2.55
N HIS B 49 -5.63 -29.43 -3.84
CA HIS B 49 -5.89 -30.52 -4.75
C HIS B 49 -4.75 -30.62 -5.74
N SER B 50 -4.31 -31.85 -5.99
CA SER B 50 -3.28 -32.16 -6.98
C SER B 50 -3.88 -31.98 -8.37
N GLU B 51 -3.38 -31.01 -9.13
CA GLU B 51 -4.00 -30.62 -10.39
C GLU B 51 -3.45 -31.32 -11.63
N LYS B 52 -2.75 -32.44 -11.47
CA LYS B 52 -2.26 -33.18 -12.64
C LYS B 52 -1.12 -32.45 -13.39
N THR B 53 -1.22 -32.40 -14.71
CA THR B 53 -0.25 -31.76 -15.61
C THR B 53 -0.39 -30.23 -15.54
N ASN B 54 0.40 -29.57 -16.39
CA ASN B 54 0.44 -28.11 -16.49
C ASN B 54 -0.96 -27.53 -16.50
N ARG B 55 -1.21 -26.59 -15.58
CA ARG B 55 -2.46 -25.85 -15.59
C ARG B 55 -2.53 -24.92 -16.80
N THR B 56 -3.74 -24.81 -17.38
CA THR B 56 -3.97 -24.10 -18.64
C THR B 56 -3.18 -22.80 -18.73
N LEU B 57 -2.62 -22.54 -19.90
CA LEU B 57 -2.13 -21.22 -20.33
C LEU B 57 -1.14 -20.62 -19.33
N SER B 58 -0.20 -21.47 -18.88
CA SER B 58 0.88 -21.21 -17.93
C SER B 58 0.75 -19.96 -17.07
N TYR B 59 1.85 -19.19 -16.92
CA TYR B 59 1.96 -18.22 -15.84
C TYR B 59 2.41 -16.86 -16.36
N ARG B 60 2.61 -15.93 -15.42
CA ARG B 60 2.97 -14.55 -15.71
C ARG B 60 4.11 -14.05 -14.83
N THR B 61 4.70 -12.92 -15.26
CA THR B 61 5.85 -12.27 -14.64
C THR B 61 5.68 -10.77 -14.81
N GLY B 62 5.67 -10.04 -13.68
CA GLY B 62 5.42 -8.61 -13.70
C GLY B 62 6.67 -7.76 -13.56
N LEU B 63 6.43 -6.48 -13.27
CA LEU B 63 7.47 -5.48 -13.05
C LEU B 63 7.31 -4.91 -11.65
N LYS B 64 8.43 -4.68 -10.99
CA LYS B 64 8.43 -4.05 -9.67
C LYS B 64 8.99 -2.64 -9.81
N ILE B 65 8.28 -1.64 -9.26
CA ILE B 65 8.77 -0.27 -9.33
C ILE B 65 8.66 0.36 -7.94
N THR B 66 9.75 0.95 -7.48
CA THR B 66 9.80 1.59 -6.18
C THR B 66 10.23 3.05 -6.32
N SER B 67 9.67 3.90 -5.45
CA SER B 67 9.97 5.33 -5.51
C SER B 67 10.22 5.83 -4.10
N LEU B 68 11.32 6.54 -3.90
CA LEU B 68 11.56 7.27 -2.66
C LEU B 68 11.38 8.76 -2.92
N THR B 69 10.66 9.42 -2.04
CA THR B 69 10.54 10.87 -2.05
C THR B 69 10.87 11.39 -0.67
N GLU B 70 11.73 12.39 -0.61
CA GLU B 70 12.23 12.91 0.65
C GLU B 70 12.24 14.43 0.62
N VAL B 71 11.81 15.02 1.73
CA VAL B 71 11.93 16.46 1.92
C VAL B 71 12.59 16.74 3.25
N VAL B 72 13.58 17.65 3.24
CA VAL B 72 14.24 18.11 4.46
C VAL B 72 13.92 19.58 4.70
N CYS B 73 14.05 19.99 5.94
CA CYS B 73 14.02 21.41 6.25
C CYS B 73 14.79 21.65 7.55
N GLY B 74 15.18 22.89 7.76
CA GLY B 74 16.04 23.16 8.88
C GLY B 74 15.28 23.88 9.96
N LEU B 75 14.03 24.21 9.70
CA LEU B 75 13.25 25.06 10.57
C LEU B 75 12.60 24.23 11.67
N ASP B 76 11.85 24.92 12.48
CA ASP B 76 11.36 24.34 13.74
C ASP B 76 10.08 23.53 13.46
N LEU B 77 10.13 22.22 13.69
CA LEU B 77 9.01 21.28 13.42
C LEU B 77 8.50 21.43 11.99
N CYS B 78 9.43 21.65 11.07
CA CYS B 78 9.04 21.93 9.69
C CYS B 78 8.58 20.67 8.94
N ASN B 79 8.76 19.49 9.53
CA ASN B 79 8.18 18.28 8.97
C ASN B 79 6.90 17.93 9.72
N GLN B 80 5.95 18.88 9.81
CA GLN B 80 4.74 18.67 10.59
C GLN B 80 3.90 17.73 9.75
N GLY B 81 3.56 18.24 8.56
CA GLY B 81 2.79 17.52 7.56
C GLY B 81 2.54 18.31 6.30
N ASN B 82 1.32 18.22 5.75
CA ASN B 82 0.86 18.98 4.59
C ASN B 82 1.30 20.45 4.65
N SER B 83 0.71 21.20 5.59
CA SER B 83 0.99 22.63 5.78
C SER B 83 0.70 23.42 4.51
N PRO B 156 12.99 -0.51 -17.14
CA PRO B 156 13.86 -1.34 -16.31
C PRO B 156 15.14 -0.62 -15.92
N GLY B 157 15.01 0.49 -15.19
CA GLY B 157 16.15 1.29 -14.78
C GLY B 157 15.75 2.28 -13.72
N SER B 158 16.74 3.04 -13.25
CA SER B 158 16.52 4.03 -12.21
C SER B 158 16.88 5.42 -12.67
N ASN B 159 16.10 6.40 -12.23
CA ASN B 159 16.36 7.81 -12.48
C ASN B 159 15.99 8.60 -11.23
N GLY B 160 16.85 9.55 -10.88
CA GLY B 160 16.60 10.41 -9.72
C GLY B 160 16.90 11.81 -10.00
N PHE B 161 16.42 12.69 -9.11
CA PHE B 161 16.62 14.12 -9.10
C PHE B 161 16.70 14.52 -7.63
N HIS B 162 17.63 15.40 -7.25
CA HIS B 162 17.73 15.59 -5.82
C HIS B 162 17.77 17.01 -5.29
N ASN B 163 17.80 18.04 -6.12
CA ASN B 163 17.51 19.39 -5.57
C ASN B 163 18.36 19.72 -4.33
N ASN B 164 17.82 20.55 -3.46
CA ASN B 164 18.50 20.98 -2.25
C ASN B 164 17.62 20.81 -1.04
N ASP B 165 16.32 20.74 -1.24
CA ASP B 165 15.27 20.53 -0.29
C ASP B 165 14.70 19.12 -0.44
N THR B 166 14.32 18.78 -1.69
CA THR B 166 13.61 17.56 -1.99
C THR B 166 14.46 16.62 -2.83
N PHE B 167 14.22 15.33 -2.68
CA PHE B 167 14.93 14.29 -3.40
C PHE B 167 13.89 13.28 -3.86
N HIS B 168 13.93 12.91 -5.14
CA HIS B 168 13.03 11.89 -5.68
C HIS B 168 13.80 10.89 -6.52
N PHE B 169 13.74 9.63 -6.15
CA PHE B 169 14.39 8.57 -6.89
C PHE B 169 13.38 7.50 -7.27
N LEU B 170 13.54 6.92 -8.46
CA LEU B 170 12.62 5.89 -8.94
C LEU B 170 13.40 4.75 -9.58
N LYS B 171 13.13 3.54 -9.11
CA LYS B 171 13.83 2.33 -9.51
C LYS B 171 12.80 1.38 -10.13
N CYS B 172 13.20 0.66 -11.17
CA CYS B 172 12.30 -0.24 -11.87
C CYS B 172 13.05 -1.49 -12.27
N CYS B 173 12.43 -2.65 -12.05
CA CYS B 173 13.13 -3.90 -12.34
C CYS B 173 12.15 -4.95 -12.85
N ASN B 174 12.72 -5.91 -13.58
CA ASN B 174 12.05 -7.15 -13.98
C ASN B 174 12.32 -8.17 -12.88
N THR B 175 11.26 -8.77 -12.33
CA THR B 175 11.42 -9.55 -11.09
C THR B 175 12.39 -10.72 -11.22
N THR B 176 12.55 -11.28 -12.42
CA THR B 176 13.52 -12.36 -12.62
C THR B 176 14.95 -11.88 -12.34
N LYS B 177 15.33 -10.74 -12.89
CA LYS B 177 16.65 -10.13 -12.68
C LYS B 177 16.43 -8.80 -11.95
N CYS B 178 16.35 -8.84 -10.63
CA CYS B 178 16.01 -7.62 -9.90
C CYS B 178 17.15 -7.16 -9.02
N ASN B 179 17.30 -5.83 -8.92
CA ASN B 179 18.30 -5.19 -8.07
C ASN B 179 17.61 -4.73 -6.80
N GLU B 180 17.75 -5.53 -5.76
CA GLU B 180 17.20 -5.24 -4.45
C GLU B 180 18.06 -4.30 -3.63
N GLY B 181 19.16 -3.80 -4.20
CA GLY B 181 19.96 -2.80 -3.56
C GLY B 181 19.08 -1.69 -3.04
N PRO B 182 19.47 -1.06 -1.94
CA PRO B 182 18.58 -0.10 -1.28
C PRO B 182 18.57 1.25 -1.99
N ILE B 183 17.61 2.09 -1.61
CA ILE B 183 17.58 3.48 -2.02
C ILE B 183 17.94 4.29 -0.78
N LEU B 184 18.97 5.10 -0.87
CA LEU B 184 19.46 5.78 0.31
C LEU B 184 18.92 7.20 0.34
N GLU B 185 18.71 7.72 1.56
CA GLU B 185 18.16 9.06 1.65
C GLU B 185 19.22 10.08 1.22
N LEU B 186 18.79 11.34 1.06
CA LEU B 186 19.70 12.32 0.46
C LEU B 186 20.93 12.53 1.33
N GLU B 187 20.76 12.60 2.66
CA GLU B 187 21.87 12.98 3.53
C GLU B 187 22.97 11.94 3.59
N ASN B 188 22.72 10.72 3.16
CA ASN B 188 23.72 9.67 3.20
C ASN B 188 24.40 9.44 1.86
N LEU B 189 23.97 10.10 0.83
CA LEU B 189 24.67 9.91 -0.44
C LEU B 189 25.93 10.77 -0.45
N PRO B 190 27.01 10.27 -1.03
CA PRO B 190 28.25 11.05 -1.13
C PRO B 190 28.17 12.11 -2.21
N GLN B 191 28.91 13.21 -1.98
CA GLN B 191 29.03 14.25 -3.00
C GLN B 191 29.80 13.71 -4.18
N ASN B 192 29.31 13.98 -5.39
CA ASN B 192 29.93 13.45 -6.60
C ASN B 192 30.85 14.45 -7.25
N GLY B 193 30.93 15.66 -6.72
CA GLY B 193 31.78 16.68 -7.27
C GLY B 193 31.09 17.66 -8.19
N ARG B 194 29.95 17.30 -8.78
CA ARG B 194 29.29 18.33 -9.56
C ARG B 194 28.50 19.26 -8.65
N GLN B 195 28.33 20.48 -9.13
CA GLN B 195 27.54 21.49 -8.44
C GLN B 195 26.63 22.16 -9.45
N CYS B 196 25.39 22.37 -9.04
CA CYS B 196 24.34 22.87 -9.93
C CYS B 196 23.45 23.81 -9.13
N TYR B 197 22.72 24.65 -9.85
CA TYR B 197 21.82 25.56 -9.17
C TYR B 197 20.52 24.86 -8.80
N SER B 198 19.84 25.40 -7.80
CA SER B 198 18.65 24.79 -7.19
C SER B 198 17.64 25.87 -6.82
N CYS B 199 16.37 25.57 -7.10
CA CYS B 199 15.18 26.39 -6.94
C CYS B 199 14.01 25.48 -7.34
N LYS B 200 12.81 25.86 -6.93
CA LYS B 200 11.63 25.20 -7.46
C LYS B 200 10.41 26.11 -7.43
N GLY B 201 9.51 25.87 -8.37
CA GLY B 201 8.18 26.42 -8.28
C GLY B 201 7.72 27.44 -9.29
N ASN B 202 8.44 28.56 -9.44
CA ASN B 202 7.85 29.66 -10.20
C ASN B 202 8.91 30.73 -10.37
N SER B 203 8.85 31.45 -11.50
CA SER B 203 9.85 32.45 -11.84
C SER B 203 9.89 33.59 -10.82
N THR B 204 8.75 34.22 -10.55
CA THR B 204 8.66 35.34 -9.62
C THR B 204 8.98 34.93 -8.18
N HIS B 205 8.39 33.81 -7.74
CA HIS B 205 8.52 33.34 -6.37
C HIS B 205 8.95 31.88 -6.39
N GLY B 206 10.09 31.57 -5.76
CA GLY B 206 10.62 30.23 -5.70
C GLY B 206 11.81 29.97 -6.62
N CYS B 207 11.83 30.60 -7.81
CA CYS B 207 12.98 30.49 -8.71
C CYS B 207 13.44 31.84 -9.23
N SER B 208 13.24 32.92 -8.48
CA SER B 208 14.08 34.10 -8.60
C SER B 208 15.55 33.73 -8.53
N SER B 209 16.42 34.60 -9.05
CA SER B 209 17.83 34.34 -8.83
C SER B 209 18.33 34.84 -7.49
N GLU B 210 17.45 35.45 -6.67
CA GLU B 210 17.73 35.61 -5.25
C GLU B 210 17.46 34.31 -4.49
N GLU B 211 16.52 33.50 -4.95
CA GLU B 211 16.17 32.26 -4.30
C GLU B 211 16.86 31.06 -4.95
N THR B 212 17.70 31.29 -5.94
CA THR B 212 18.42 30.23 -6.65
C THR B 212 19.82 30.10 -6.06
N PHE B 213 20.17 28.90 -5.60
CA PHE B 213 21.43 28.72 -4.91
C PHE B 213 22.25 27.59 -5.53
N LEU B 214 23.57 27.74 -5.50
CA LEU B 214 24.44 26.62 -5.90
C LEU B 214 24.43 25.56 -4.81
N ILE B 215 24.41 24.28 -5.22
CA ILE B 215 24.52 23.15 -4.30
C ILE B 215 25.47 22.10 -4.89
N ASP B 216 26.07 21.32 -4.00
CA ASP B 216 26.86 20.15 -4.41
C ASP B 216 25.91 19.01 -4.74
N CYS B 217 26.14 18.36 -5.86
CA CYS B 217 25.35 17.18 -6.16
C CYS B 217 25.84 15.98 -5.38
N ARG B 218 24.97 14.98 -5.23
CA ARG B 218 25.30 13.74 -4.55
C ARG B 218 24.96 12.54 -5.41
N GLY B 219 25.65 11.44 -5.14
CA GLY B 219 25.38 10.15 -5.75
C GLY B 219 25.34 10.16 -7.25
N PRO B 220 24.41 9.39 -7.82
CA PRO B 220 24.33 9.24 -9.28
C PRO B 220 23.86 10.48 -10.01
N MET B 221 23.39 11.51 -9.29
CA MET B 221 22.84 12.72 -9.90
C MET B 221 24.00 13.68 -10.19
N ASN B 222 24.63 13.51 -11.35
CA ASN B 222 25.79 14.30 -11.74
C ASN B 222 25.52 15.20 -12.91
N GLN B 223 24.28 15.36 -13.32
CA GLN B 223 23.92 16.33 -14.34
C GLN B 223 23.16 17.48 -13.70
N CYS B 224 23.25 18.64 -14.31
CA CYS B 224 22.46 19.78 -13.87
C CYS B 224 21.23 19.84 -14.75
N LEU B 225 20.07 19.96 -14.11
CA LEU B 225 18.77 19.84 -14.77
C LEU B 225 17.98 21.11 -14.58
N VAL B 226 17.31 21.53 -15.65
CA VAL B 226 16.25 22.53 -15.62
C VAL B 226 15.03 21.91 -16.26
N ALA B 227 13.86 22.18 -15.69
CA ALA B 227 12.61 21.72 -16.28
C ALA B 227 11.54 22.77 -16.04
N THR B 228 10.63 22.90 -17.01
CA THR B 228 9.50 23.80 -16.82
C THR B 228 8.31 23.35 -17.65
N GLY B 229 7.13 23.85 -17.28
CA GLY B 229 5.88 23.41 -17.88
C GLY B 229 4.84 24.51 -17.84
N THR B 230 3.72 24.24 -18.53
CA THR B 230 2.62 25.21 -18.63
C THR B 230 1.71 25.12 -17.42
N TYR B 238 5.56 26.89 -13.65
CA TYR B 238 6.37 26.00 -12.83
C TYR B 238 7.75 25.75 -13.44
N MET B 239 8.76 25.69 -12.57
CA MET B 239 10.14 25.50 -13.01
C MET B 239 10.92 24.86 -11.86
N VAL B 240 11.84 23.95 -12.19
CA VAL B 240 12.73 23.38 -11.18
C VAL B 240 14.14 23.23 -11.74
N ARG B 241 15.12 23.36 -10.84
CA ARG B 241 16.53 23.16 -11.14
C ARG B 241 17.14 22.26 -10.07
N GLY B 242 18.11 21.44 -10.49
CA GLY B 242 18.76 20.59 -9.51
C GLY B 242 19.73 19.62 -10.15
N CYS B 243 20.08 18.59 -9.40
CA CYS B 243 20.97 17.55 -9.89
C CYS B 243 20.12 16.37 -10.35
N ALA B 244 20.59 15.70 -11.38
CA ALA B 244 19.79 14.68 -12.01
C ALA B 244 20.70 13.59 -12.51
N THR B 245 20.16 12.38 -12.59
CA THR B 245 20.87 11.27 -13.19
C THR B 245 20.72 11.34 -14.71
N ALA B 246 21.71 10.79 -15.41
CA ALA B 246 21.63 10.76 -16.87
C ALA B 246 20.32 10.13 -17.33
N SER B 247 19.83 9.13 -16.60
CA SER B 247 18.55 8.51 -16.90
C SER B 247 17.44 9.54 -17.02
N MET B 248 17.50 10.60 -16.23
CA MET B 248 16.48 11.65 -16.23
C MET B 248 16.70 12.66 -17.34
N CYS B 249 17.82 12.57 -18.04
CA CYS B 249 18.21 13.59 -19.01
C CYS B 249 18.16 13.17 -20.47
N GLN B 250 17.69 11.96 -20.79
CA GLN B 250 18.07 11.48 -22.12
C GLN B 250 17.07 11.92 -23.19
N HIS B 251 15.90 12.43 -22.82
CA HIS B 251 15.14 13.22 -23.78
C HIS B 251 14.45 14.40 -23.11
N ALA B 252 14.20 15.43 -23.91
CA ALA B 252 13.32 16.53 -23.53
C ALA B 252 11.88 16.05 -23.64
N HIS B 253 11.00 16.68 -22.85
CA HIS B 253 9.59 16.25 -22.74
C HIS B 253 9.49 14.83 -22.19
N ILE B 263 6.06 19.86 -21.40
CA ILE B 263 6.83 19.89 -20.17
C ILE B 263 8.29 19.54 -20.47
N ASP B 264 9.15 20.55 -20.56
CA ASP B 264 10.46 20.42 -21.19
C ASP B 264 11.58 20.33 -20.15
N VAL B 265 12.64 19.61 -20.53
CA VAL B 265 13.81 19.35 -19.71
C VAL B 265 15.08 19.67 -20.50
N SER B 266 16.04 20.34 -19.84
CA SER B 266 17.39 20.47 -20.37
C SER B 266 18.39 20.07 -19.31
N CYS B 267 19.42 19.35 -19.73
CA CYS B 267 20.48 18.88 -18.85
C CYS B 267 21.82 19.28 -19.40
N CYS B 268 22.80 19.40 -18.51
CA CYS B 268 24.18 19.66 -18.95
C CYS B 268 25.11 19.05 -17.92
N THR B 269 26.35 18.80 -18.35
CA THR B 269 27.24 17.94 -17.57
C THR B 269 28.38 18.65 -16.85
N LYS B 270 28.46 19.97 -16.89
CA LYS B 270 29.58 20.66 -16.25
C LYS B 270 29.07 21.69 -15.24
N SER B 271 29.80 21.80 -14.12
CA SER B 271 29.27 22.44 -12.92
C SER B 271 28.79 23.85 -13.19
N GLY B 272 27.62 24.18 -12.62
CA GLY B 272 27.00 25.49 -12.67
C GLY B 272 26.22 25.80 -13.93
N CYS B 273 26.21 24.89 -14.90
CA CYS B 273 25.68 25.16 -16.23
C CYS B 273 24.17 25.35 -16.28
N ASN B 274 23.43 25.05 -15.21
CA ASN B 274 21.99 25.28 -15.21
C ASN B 274 21.59 26.61 -14.60
N HIS B 275 22.53 27.55 -14.50
CA HIS B 275 22.27 28.90 -14.01
C HIS B 275 21.08 29.52 -14.74
N PRO B 276 20.23 30.30 -14.07
CA PRO B 276 19.05 30.86 -14.73
C PRO B 276 19.38 31.73 -15.91
N ASP B 277 20.52 32.40 -15.89
CA ASP B 277 20.90 33.25 -17.02
C ASP B 277 21.57 32.44 -18.12
N LEU B 278 21.38 31.12 -18.10
CA LEU B 278 21.92 30.23 -19.13
C LEU B 278 20.81 29.47 -19.85
N ASP B 279 19.57 29.74 -19.52
CA ASP B 279 18.45 29.10 -20.15
C ASP B 279 18.10 29.70 -21.50
C1 NAG C . -8.09 5.31 22.44
C2 NAG C . -8.15 6.83 22.27
C3 NAG C . -7.49 7.49 23.50
C4 NAG C . -8.09 6.98 24.79
C5 NAG C . -7.99 5.46 24.85
C6 NAG C . -8.67 4.86 26.07
C7 NAG C . -8.30 7.58 19.96
C8 NAG C . -7.53 8.05 18.77
N2 NAG C . -7.59 7.28 21.07
O3 NAG C . -7.63 8.90 23.41
O4 NAG C . -7.42 7.55 25.91
O5 NAG C . -8.64 4.87 23.70
O6 NAG C . -8.86 3.46 25.93
O7 NAG C . -9.53 7.47 19.96
C1 NAG D . 12.78 -10.69 -17.60
C2 NAG D . 11.73 -10.84 -18.72
C3 NAG D . 11.84 -12.22 -19.37
C4 NAG D . 13.26 -12.44 -19.89
C5 NAG D . 14.26 -12.28 -18.75
C6 NAG D . 15.69 -12.40 -19.21
C7 NAG D . 9.73 -9.47 -18.28
C8 NAG D . 8.34 -9.45 -17.69
N2 NAG D . 10.37 -10.64 -18.19
O3 NAG D . 10.90 -12.33 -20.43
O4 NAG D . 13.40 -13.75 -20.44
O5 NAG D . 14.12 -10.98 -18.15
O6 NAG D . 16.58 -11.68 -18.37
O7 NAG D . 10.23 -8.48 -18.79
C1 NAG E . 4.26 33.08 -8.78
C2 NAG E . 3.22 33.47 -9.85
C3 NAG E . 1.94 33.97 -9.20
C4 NAG E . 1.38 32.89 -8.29
C5 NAG E . 2.38 32.53 -7.20
C6 NAG E . 2.66 31.04 -7.11
C7 NAG E . 3.40 34.61 -12.03
C8 NAG E . 4.02 35.74 -12.79
N2 NAG E . 3.76 34.50 -10.75
O3 NAG E . 0.99 34.32 -10.20
O4 NAG E . 0.19 33.37 -7.67
O5 NAG E . 3.64 33.19 -7.43
O6 NAG E . 3.57 30.74 -6.06
O7 NAG E . 2.62 33.83 -12.56
#